data_6HQO
#
_entry.id   6HQO
#
_cell.length_a   103.850
_cell.length_b   103.850
_cell.length_c   115.100
_cell.angle_alpha   90.00
_cell.angle_beta   90.00
_cell.angle_gamma   90.00
#
_symmetry.space_group_name_H-M   'P 43 21 2'
#
loop_
_entity.id
_entity.type
_entity.pdbx_description
1 polymer 'Cytochrome P450'
2 non-polymer 'PROTOPORPHYRIN IX CONTAINING FE'
3 non-polymer Guaiacol
4 water water
#
_entity_poly.entity_id   1
_entity_poly.type   'polypeptide(L)'
_entity_poly.pdbx_seq_one_letter_code
;MTTTERPDLAWLDEVTMTQLERNPYEVYERLRAEAPLAFVPVLGSYVASTAEVCREVATSPDFEAVITPAGGRTFGHPAI
IGVNGDIHADLRSMVEPALQPAEVDRWIDDLVRPIARRYLERFENDGHAELVAQYCEPVSVRSLGDLLGLQEVDSDKLRE
WFAKLNRSSTNAAVDENGEFANPEGFAEGDQAKAEIRAVVDPLIDKWIEHPDDSAISHWLHDGMPPGQTRDREYIYPTIY
VYLLGAMQEPGHGMASTLVGLFSRPEQLEEVVDDPTLIPRAIAEGLRWTSPIWSATARISTKPVTIAGVDLPAGTPVMLS
YGSANHDTGKYEAPSQYDLHRPPLPHLAFGAGNHACAGIYFANHVMRIALEELFEAIPNLERDTREGVEFWGWGFRGPTS
LHVTWEV
;
_entity_poly.pdbx_strand_id   A
#
loop_
_chem_comp.id
_chem_comp.type
_chem_comp.name
_chem_comp.formula
HEM non-polymer 'PROTOPORPHYRIN IX CONTAINING FE' 'C34 H32 Fe N4 O4'
JZ3 non-polymer Guaiacol 'C7 H8 O2'
#
# COMPACT_ATOMS: atom_id res chain seq x y z
N ARG A 6 -1.10 -5.88 -30.45
CA ARG A 6 0.15 -5.17 -30.84
C ARG A 6 1.25 -6.21 -31.17
N PRO A 7 1.62 -6.32 -32.46
CA PRO A 7 2.35 -7.52 -32.89
C PRO A 7 3.70 -7.73 -32.20
N ASP A 8 4.51 -6.68 -32.02
CA ASP A 8 5.86 -6.91 -31.48
C ASP A 8 5.82 -7.26 -29.99
N LEU A 9 4.68 -7.06 -29.29
CA LEU A 9 4.53 -7.44 -27.89
C LEU A 9 3.89 -8.82 -27.75
N ALA A 10 3.98 -9.69 -28.78
CA ALA A 10 3.25 -10.97 -28.67
C ALA A 10 3.79 -11.82 -27.50
N TRP A 11 5.02 -11.55 -27.05
CA TRP A 11 5.55 -12.27 -25.88
C TRP A 11 4.71 -12.04 -24.63
N LEU A 12 4.02 -10.89 -24.55
CA LEU A 12 3.16 -10.62 -23.40
C LEU A 12 2.03 -11.63 -23.27
N ASP A 13 1.65 -12.29 -24.37
CA ASP A 13 0.58 -13.29 -24.27
C ASP A 13 1.00 -14.45 -23.37
N GLU A 14 2.29 -14.65 -23.20
CA GLU A 14 2.77 -15.77 -22.41
C GLU A 14 3.15 -15.39 -20.98
N VAL A 15 2.95 -14.14 -20.60
CA VAL A 15 3.21 -13.70 -19.23
C VAL A 15 2.08 -14.21 -18.34
N THR A 16 2.44 -14.82 -17.21
CA THR A 16 1.38 -15.37 -16.32
C THR A 16 1.21 -14.51 -15.07
N MET A 17 0.08 -14.73 -14.43
CA MET A 17 -0.19 -14.00 -13.19
C MET A 17 0.80 -14.43 -12.09
N THR A 18 1.14 -15.74 -12.05
CA THR A 18 2.08 -16.26 -11.07
C THR A 18 3.43 -15.64 -11.24
N GLN A 19 3.85 -15.45 -12.50
CA GLN A 19 5.13 -14.80 -12.76
C GLN A 19 5.16 -13.38 -12.22
N LEU A 20 4.11 -12.62 -12.48
CA LEU A 20 4.05 -11.23 -12.03
C LEU A 20 3.99 -11.16 -10.51
N GLU A 21 3.31 -12.12 -9.87
CA GLU A 21 3.25 -12.11 -8.41
C GLU A 21 4.60 -12.46 -7.81
N ARG A 22 5.28 -13.47 -8.39
CA ARG A 22 6.57 -13.89 -7.87
C ARG A 22 7.61 -12.81 -8.08
N ASN A 23 7.66 -12.25 -9.29
CA ASN A 23 8.65 -11.19 -9.53
C ASN A 23 8.29 -10.47 -10.81
N PRO A 24 7.72 -9.28 -10.70
CA PRO A 24 7.28 -8.57 -11.90
C PRO A 24 8.38 -7.76 -12.55
N TYR A 25 9.56 -7.70 -11.96
CA TYR A 25 10.51 -6.68 -12.43
C TYR A 25 11.11 -7.04 -13.79
N GLU A 26 11.23 -8.31 -14.13
CA GLU A 26 11.81 -8.60 -15.44
C GLU A 26 10.85 -8.23 -16.54
N VAL A 27 9.60 -8.64 -16.42
CA VAL A 27 8.59 -8.25 -17.41
C VAL A 27 8.52 -6.72 -17.50
N TYR A 28 8.52 -6.03 -16.36
CA TYR A 28 8.34 -4.58 -16.44
C TYR A 28 9.59 -3.87 -16.94
N GLU A 29 10.77 -4.45 -16.76
CA GLU A 29 11.97 -3.87 -17.38
C GLU A 29 11.81 -3.87 -18.89
N ARG A 30 11.30 -4.96 -19.45
CA ARG A 30 11.00 -4.99 -20.88
C ARG A 30 9.93 -3.99 -21.28
N LEU A 31 8.84 -3.88 -20.47
CA LEU A 31 7.76 -2.93 -20.78
C LEU A 31 8.31 -1.50 -20.81
N ARG A 32 9.16 -1.15 -19.84
CA ARG A 32 9.68 0.23 -19.81
C ARG A 32 10.47 0.53 -21.07
N ALA A 33 11.12 -0.47 -21.64
CA ALA A 33 11.91 -0.24 -22.84
C ALA A 33 11.08 -0.33 -24.12
N GLU A 34 10.18 -1.32 -24.18
CA GLU A 34 9.41 -1.62 -25.39
C GLU A 34 8.13 -0.81 -25.53
N ALA A 35 7.42 -0.56 -24.42
CA ALA A 35 6.10 -0.04 -24.53
C ALA A 35 5.66 0.49 -23.18
N PRO A 36 6.02 1.74 -22.86
CA PRO A 36 5.68 2.33 -21.55
C PRO A 36 4.21 2.32 -21.24
N LEU A 37 3.37 2.30 -22.27
CA LEU A 37 1.94 2.01 -22.08
C LEU A 37 1.66 0.77 -22.93
N ALA A 38 1.20 -0.32 -22.28
CA ALA A 38 1.10 -1.59 -22.98
C ALA A 38 -0.09 -2.36 -22.44
N PHE A 39 -0.79 -3.07 -23.32
CA PHE A 39 -1.89 -3.92 -22.88
C PHE A 39 -1.33 -5.27 -22.48
N VAL A 40 -1.60 -5.71 -21.25
CA VAL A 40 -1.06 -6.96 -20.72
C VAL A 40 -2.21 -7.96 -20.67
N PRO A 41 -2.20 -9.01 -21.51
CA PRO A 41 -3.42 -9.81 -21.69
C PRO A 41 -3.90 -10.45 -20.37
N VAL A 42 -2.98 -11.02 -19.56
CA VAL A 42 -3.50 -11.71 -18.34
C VAL A 42 -4.09 -10.71 -17.35
N LEU A 43 -3.71 -9.43 -17.41
CA LEU A 43 -4.34 -8.41 -16.56
C LEU A 43 -5.59 -7.82 -17.18
N GLY A 44 -5.78 -8.01 -18.47
CA GLY A 44 -6.95 -7.48 -19.15
C GLY A 44 -6.97 -5.96 -19.20
N SER A 45 -5.80 -5.33 -19.15
CA SER A 45 -5.74 -3.87 -19.07
C SER A 45 -4.44 -3.33 -19.65
N TYR A 46 -4.51 -2.09 -20.12
CA TYR A 46 -3.28 -1.29 -20.31
C TYR A 46 -2.61 -1.08 -18.95
N VAL A 47 -1.26 -1.06 -18.98
CA VAL A 47 -0.46 -0.77 -17.80
C VAL A 47 0.55 0.29 -18.18
N ALA A 48 0.75 1.22 -17.26
CA ALA A 48 1.77 2.27 -17.39
C ALA A 48 2.96 1.82 -16.54
N SER A 49 4.14 1.71 -17.18
CA SER A 49 5.30 1.15 -16.51
C SER A 49 6.38 2.16 -16.17
N THR A 50 6.44 3.33 -16.84
CA THR A 50 7.53 4.27 -16.62
C THR A 50 7.08 5.42 -15.70
N ALA A 51 8.06 6.16 -15.16
CA ALA A 51 7.70 7.32 -14.33
C ALA A 51 6.94 8.38 -15.14
N GLU A 52 7.39 8.67 -16.37
CA GLU A 52 6.75 9.74 -17.15
C GLU A 52 5.28 9.39 -17.43
N VAL A 53 5.02 8.13 -17.79
CA VAL A 53 3.65 7.74 -18.16
C VAL A 53 2.76 7.63 -16.94
N CYS A 54 3.28 7.04 -15.83
CA CYS A 54 2.47 6.96 -14.61
C CYS A 54 2.11 8.33 -14.10
N ARG A 55 3.09 9.25 -14.08
CA ARG A 55 2.77 10.61 -13.60
C ARG A 55 1.79 11.33 -14.53
N GLU A 56 2.00 11.21 -15.84
CA GLU A 56 1.11 11.86 -16.79
C GLU A 56 -0.31 11.38 -16.62
N VAL A 57 -0.50 10.05 -16.55
CA VAL A 57 -1.86 9.52 -16.43
C VAL A 57 -2.49 9.91 -15.08
N ALA A 58 -1.69 9.90 -14.01
CA ALA A 58 -2.24 10.16 -12.69
C ALA A 58 -2.61 11.62 -12.51
N THR A 59 -2.07 12.50 -13.32
CA THR A 59 -2.33 13.95 -13.20
C THR A 59 -3.06 14.54 -14.37
N SER A 60 -3.40 13.74 -15.36
CA SER A 60 -3.95 14.28 -16.60
C SER A 60 -5.40 14.73 -16.37
N PRO A 61 -5.80 15.87 -16.93
CA PRO A 61 -7.23 16.26 -16.84
C PRO A 61 -8.12 15.40 -17.70
N ASP A 62 -7.54 14.56 -18.56
CA ASP A 62 -8.30 13.67 -19.43
C ASP A 62 -8.45 12.27 -18.87
N PHE A 63 -8.05 12.08 -17.60
CA PHE A 63 -8.23 10.82 -16.89
C PHE A 63 -8.93 11.10 -15.56
N GLU A 64 -9.62 10.10 -15.03
CA GLU A 64 -10.14 10.16 -13.66
C GLU A 64 -9.92 8.81 -13.02
N ALA A 65 -10.18 8.69 -11.70
CA ALA A 65 -9.91 7.41 -11.06
C ALA A 65 -10.87 6.36 -11.53
N VAL A 66 -10.36 5.13 -11.60
CA VAL A 66 -11.21 3.94 -11.76
C VAL A 66 -10.63 2.87 -10.89
N ILE A 67 -11.52 2.01 -10.33
CA ILE A 67 -10.96 0.89 -9.55
C ILE A 67 -10.53 -0.23 -10.50
N THR A 68 -9.49 -0.97 -10.11
CA THR A 68 -9.17 -2.16 -10.91
C THR A 68 -10.35 -3.12 -10.91
N PRO A 69 -10.45 -4.00 -11.93
CA PRO A 69 -11.58 -4.94 -11.96
C PRO A 69 -11.70 -5.76 -10.67
N ALA A 70 -10.61 -6.41 -10.22
CA ALA A 70 -10.69 -7.22 -9.00
C ALA A 70 -10.90 -6.32 -7.78
N GLY A 71 -10.36 -5.11 -7.80
CA GLY A 71 -10.62 -4.16 -6.73
C GLY A 71 -12.08 -3.79 -6.62
N GLY A 72 -12.75 -3.58 -7.76
CA GLY A 72 -14.19 -3.28 -7.70
C GLY A 72 -15.00 -4.46 -7.20
N ARG A 73 -14.64 -5.69 -7.67
CA ARG A 73 -15.34 -6.88 -7.19
C ARG A 73 -15.21 -6.98 -5.67
N THR A 74 -14.07 -6.53 -5.15
CA THR A 74 -13.76 -6.67 -3.72
C THR A 74 -14.42 -5.55 -2.90
N PHE A 75 -14.24 -4.31 -3.33
CA PHE A 75 -14.65 -3.16 -2.50
C PHE A 75 -16.02 -2.61 -2.80
N GLY A 76 -16.52 -2.75 -4.03
CA GLY A 76 -17.82 -2.14 -4.37
C GLY A 76 -17.70 -0.63 -4.46
N HIS A 77 -18.81 0.05 -4.21
CA HIS A 77 -18.97 1.51 -4.37
C HIS A 77 -19.47 2.12 -3.06
N PRO A 78 -19.00 3.33 -2.66
CA PRO A 78 -18.00 4.20 -3.34
C PRO A 78 -16.67 4.04 -2.63
N ALA A 79 -15.79 3.22 -3.21
CA ALA A 79 -14.46 3.17 -2.64
C ALA A 79 -13.72 4.47 -2.97
N ILE A 80 -13.03 5.05 -1.97
CA ILE A 80 -12.42 6.38 -2.20
C ILE A 80 -11.49 6.33 -3.41
N ILE A 81 -10.81 5.18 -3.63
CA ILE A 81 -9.91 5.06 -4.77
C ILE A 81 -10.62 5.00 -6.11
N GLY A 82 -11.93 4.74 -6.14
CA GLY A 82 -12.57 4.49 -7.43
C GLY A 82 -13.61 5.49 -7.88
N VAL A 83 -13.75 6.59 -7.16
CA VAL A 83 -14.80 7.56 -7.45
C VAL A 83 -14.16 8.92 -7.67
N ASN A 84 -14.99 9.88 -8.14
CA ASN A 84 -14.52 11.18 -8.58
C ASN A 84 -15.55 12.24 -8.20
N GLY A 85 -15.28 13.47 -8.60
CA GLY A 85 -16.33 14.50 -8.48
C GLY A 85 -16.75 14.73 -7.04
N ASP A 86 -18.04 14.96 -6.87
CA ASP A 86 -18.52 15.36 -5.55
C ASP A 86 -18.35 14.26 -4.52
N ILE A 87 -18.57 12.99 -4.91
CA ILE A 87 -18.44 11.93 -3.91
C ILE A 87 -17.01 11.83 -3.46
N HIS A 88 -16.07 11.90 -4.43
CA HIS A 88 -14.67 11.85 -4.01
C HIS A 88 -14.32 13.03 -3.12
N ALA A 89 -14.83 14.22 -3.45
CA ALA A 89 -14.53 15.38 -2.61
C ALA A 89 -15.04 15.18 -1.20
N ASP A 90 -16.24 14.60 -1.06
CA ASP A 90 -16.78 14.37 0.28
C ASP A 90 -15.94 13.32 1.01
N LEU A 91 -15.56 12.23 0.32
CA LEU A 91 -14.80 11.18 1.02
C LEU A 91 -13.40 11.67 1.39
N ARG A 92 -12.80 12.54 0.56
CA ARG A 92 -11.52 13.14 0.98
C ARG A 92 -11.72 14.02 2.20
N SER A 93 -12.78 14.82 2.22
CA SER A 93 -13.00 15.69 3.39
C SER A 93 -13.28 14.85 4.61
N MET A 94 -13.88 13.69 4.41
CA MET A 94 -14.16 12.74 5.49
C MET A 94 -12.87 12.19 6.11
N VAL A 95 -11.91 11.75 5.27
CA VAL A 95 -10.72 11.08 5.82
C VAL A 95 -9.60 12.05 6.20
N GLU A 96 -9.65 13.27 5.71
CA GLU A 96 -8.45 14.11 5.86
C GLU A 96 -8.19 14.66 7.26
N PRO A 97 -9.19 14.91 8.12
CA PRO A 97 -8.85 15.58 9.39
C PRO A 97 -7.75 14.92 10.23
N ALA A 98 -7.86 13.62 10.52
CA ALA A 98 -6.85 13.01 11.38
C ALA A 98 -5.54 12.80 10.66
N LEU A 99 -5.49 13.00 9.36
CA LEU A 99 -4.26 12.85 8.59
C LEU A 99 -3.54 14.19 8.37
N GLN A 100 -4.10 15.29 8.84
CA GLN A 100 -3.47 16.59 8.62
C GLN A 100 -2.13 16.60 9.35
N PRO A 101 -1.06 17.15 8.75
CA PRO A 101 0.24 17.06 9.44
C PRO A 101 0.26 17.67 10.83
N ALA A 102 -0.36 18.86 11.01
CA ALA A 102 -0.36 19.48 12.34
C ALA A 102 -1.08 18.60 13.36
N GLU A 103 -2.11 17.89 12.90
CA GLU A 103 -2.86 16.99 13.78
C GLU A 103 -2.04 15.73 14.11
N VAL A 104 -1.48 15.07 13.09
CA VAL A 104 -0.60 13.91 13.31
C VAL A 104 0.50 14.26 14.32
N ASP A 105 1.10 15.45 14.18
CA ASP A 105 2.22 15.79 15.04
C ASP A 105 1.79 15.95 16.50
N ARG A 106 0.49 16.15 16.76
CA ARG A 106 0.04 16.30 18.14
C ARG A 106 0.11 14.98 18.89
N TRP A 107 -0.12 13.85 18.23
CA TRP A 107 -0.29 12.62 18.98
C TRP A 107 0.44 11.42 18.42
N ILE A 108 1.22 11.54 17.33
CA ILE A 108 1.73 10.33 16.69
C ILE A 108 2.77 9.62 17.57
N ASP A 109 3.54 10.36 18.36
CA ASP A 109 4.57 9.73 19.17
C ASP A 109 3.94 8.89 20.29
N ASP A 110 3.00 9.46 21.01
CA ASP A 110 2.27 8.76 22.06
C ASP A 110 1.42 7.63 21.54
N LEU A 111 1.02 7.64 20.26
CA LEU A 111 0.35 6.50 19.69
C LEU A 111 1.34 5.37 19.38
N VAL A 112 2.33 5.64 18.54
CA VAL A 112 3.10 4.54 17.96
C VAL A 112 4.17 4.05 18.91
N ARG A 113 4.82 4.95 19.64
CA ARG A 113 5.98 4.50 20.41
C ARG A 113 5.63 3.47 21.50
N PRO A 114 4.54 3.62 22.28
CA PRO A 114 4.21 2.54 23.22
C PRO A 114 3.79 1.23 22.54
N ILE A 115 3.19 1.30 21.35
CA ILE A 115 2.85 0.10 20.58
C ILE A 115 4.13 -0.62 20.16
N ALA A 116 5.06 0.13 19.53
CA ALA A 116 6.35 -0.46 19.15
C ALA A 116 7.02 -1.14 20.34
N ARG A 117 7.05 -0.45 21.48
CA ARG A 117 7.68 -1.03 22.68
C ARG A 117 6.97 -2.31 23.11
N ARG A 118 5.64 -2.32 23.09
CA ARG A 118 4.91 -3.50 23.49
C ARG A 118 5.25 -4.70 22.63
N TYR A 119 5.27 -4.52 21.30
CA TYR A 119 5.61 -5.68 20.48
C TYR A 119 7.08 -6.08 20.65
N LEU A 120 7.98 -5.12 20.78
CA LEU A 120 9.37 -5.44 20.97
C LEU A 120 9.61 -6.21 22.26
N GLU A 121 8.92 -5.85 23.32
CA GLU A 121 9.12 -6.51 24.58
C GLU A 121 8.86 -7.98 24.51
N ARG A 122 8.11 -8.42 23.53
CA ARG A 122 7.82 -9.84 23.47
C ARG A 122 8.96 -10.67 22.93
N PHE A 123 9.97 -10.06 22.32
CA PHE A 123 10.99 -10.87 21.66
C PHE A 123 12.40 -10.28 21.70
N GLU A 124 12.55 -9.06 22.24
CA GLU A 124 13.84 -8.39 22.08
C GLU A 124 14.98 -9.06 22.81
N ASN A 125 14.70 -10.03 23.69
CA ASN A 125 15.79 -10.77 24.33
C ASN A 125 15.96 -12.19 23.77
N ASP A 126 15.29 -12.51 22.67
CA ASP A 126 15.28 -13.89 22.21
C ASP A 126 16.53 -14.23 21.42
N GLY A 127 17.06 -13.25 20.66
CA GLY A 127 18.16 -13.47 19.78
C GLY A 127 17.72 -13.90 18.39
N HIS A 128 16.42 -14.01 18.17
CA HIS A 128 15.86 -14.39 16.86
C HIS A 128 14.45 -13.88 16.78
N ALA A 129 14.01 -13.56 15.56
CA ALA A 129 12.67 -13.09 15.34
C ALA A 129 12.43 -13.13 13.85
N GLU A 130 11.17 -13.17 13.53
CA GLU A 130 10.65 -13.06 12.19
C GLU A 130 9.89 -11.73 12.24
N LEU A 131 10.54 -10.67 11.72
CA LEU A 131 10.06 -9.33 11.99
C LEU A 131 8.78 -8.96 11.26
N VAL A 132 8.42 -9.63 10.18
CA VAL A 132 7.18 -9.25 9.50
C VAL A 132 5.99 -9.54 10.42
N ALA A 133 5.90 -10.79 10.88
CA ALA A 133 4.76 -11.16 11.71
C ALA A 133 4.90 -10.68 13.15
N GLN A 134 6.11 -10.58 13.68
CA GLN A 134 6.27 -10.28 15.10
C GLN A 134 6.36 -8.77 15.35
N TYR A 135 6.62 -7.99 14.31
CA TYR A 135 6.88 -6.57 14.57
C TYR A 135 6.26 -5.62 13.54
N CYS A 136 6.65 -5.76 12.25
CA CYS A 136 6.27 -4.74 11.26
C CYS A 136 4.78 -4.69 11.05
N GLU A 137 4.16 -5.86 10.82
CA GLU A 137 2.72 -5.87 10.63
C GLU A 137 1.99 -5.52 11.91
N PRO A 138 2.32 -6.08 13.09
CA PRO A 138 1.60 -5.66 14.31
C PRO A 138 1.65 -4.18 14.63
N VAL A 139 2.83 -3.53 14.53
CA VAL A 139 2.90 -2.11 14.81
C VAL A 139 2.04 -1.34 13.83
N SER A 140 2.09 -1.70 12.54
CA SER A 140 1.31 -0.98 11.53
C SER A 140 -0.20 -1.07 11.84
N VAL A 141 -0.69 -2.27 12.14
CA VAL A 141 -2.15 -2.44 12.26
C VAL A 141 -2.64 -1.94 13.62
N ARG A 142 -1.83 -2.07 14.66
CA ARG A 142 -2.29 -1.67 15.98
C ARG A 142 -2.34 -0.16 16.08
N SER A 143 -1.38 0.53 15.44
CA SER A 143 -1.39 1.98 15.39
C SER A 143 -2.64 2.49 14.70
N LEU A 144 -2.87 2.02 13.47
CA LEU A 144 -4.00 2.52 12.72
C LEU A 144 -5.31 2.04 13.37
N GLY A 145 -5.35 0.78 13.78
CA GLY A 145 -6.56 0.25 14.42
C GLY A 145 -6.97 1.10 15.59
N ASP A 146 -6.02 1.46 16.45
CA ASP A 146 -6.40 2.35 17.55
C ASP A 146 -6.89 3.71 17.08
N LEU A 147 -6.23 4.31 16.06
CA LEU A 147 -6.68 5.61 15.54
C LEU A 147 -8.12 5.50 15.04
N LEU A 148 -8.43 4.40 14.36
CA LEU A 148 -9.77 4.26 13.74
C LEU A 148 -10.89 4.02 14.76
N GLY A 149 -10.56 3.51 15.94
CA GLY A 149 -11.57 3.08 16.92
C GLY A 149 -11.72 1.56 17.02
N LEU A 150 -10.81 0.80 16.42
CA LEU A 150 -10.84 -0.66 16.46
C LEU A 150 -9.90 -1.21 17.52
N GLN A 151 -9.78 -0.53 18.65
CA GLN A 151 -8.91 -0.98 19.74
C GLN A 151 -9.15 -2.41 20.12
N GLU A 152 -10.40 -2.88 20.03
CA GLU A 152 -10.69 -4.21 20.51
C GLU A 152 -10.51 -5.29 19.45
N VAL A 153 -10.14 -4.93 18.22
CA VAL A 153 -9.87 -5.91 17.19
C VAL A 153 -8.38 -6.26 17.28
N ASP A 154 -8.07 -7.51 17.58
CA ASP A 154 -6.70 -7.97 17.80
C ASP A 154 -5.88 -7.81 16.53
N SER A 155 -4.57 -7.60 16.71
CA SER A 155 -3.70 -7.39 15.55
C SER A 155 -3.65 -8.61 14.64
N ASP A 156 -3.73 -9.84 15.21
CA ASP A 156 -3.81 -11.03 14.37
C ASP A 156 -4.99 -10.92 13.42
N LYS A 157 -6.13 -10.46 13.92
CA LYS A 157 -7.32 -10.39 13.06
C LYS A 157 -7.17 -9.29 11.98
N LEU A 158 -6.65 -8.10 12.36
CA LEU A 158 -6.42 -7.05 11.37
C LEU A 158 -5.47 -7.53 10.28
N ARG A 159 -4.42 -8.28 10.67
CA ARG A 159 -3.46 -8.79 9.70
C ARG A 159 -4.12 -9.80 8.75
N GLU A 160 -4.97 -10.68 9.31
CA GLU A 160 -5.66 -11.66 8.47
C GLU A 160 -6.59 -10.95 7.47
N TRP A 161 -7.35 -9.95 7.94
CA TRP A 161 -8.21 -9.21 7.03
C TRP A 161 -7.41 -8.56 5.88
N PHE A 162 -6.29 -7.89 6.17
CA PHE A 162 -5.66 -7.21 5.02
C PHE A 162 -5.05 -8.23 4.09
N ALA A 163 -4.68 -9.40 4.61
CA ALA A 163 -4.14 -10.37 3.67
C ALA A 163 -5.23 -10.92 2.76
N LYS A 164 -6.41 -11.22 3.32
CA LYS A 164 -7.52 -11.67 2.45
C LYS A 164 -7.93 -10.60 1.45
N LEU A 165 -8.06 -9.34 1.90
CA LEU A 165 -8.46 -8.26 1.00
C LEU A 165 -7.39 -8.05 -0.07
N ASN A 166 -6.11 -8.21 0.29
CA ASN A 166 -5.02 -8.11 -0.70
C ASN A 166 -5.24 -9.13 -1.82
N ARG A 167 -5.35 -10.41 -1.43
CA ARG A 167 -5.47 -11.48 -2.41
C ARG A 167 -6.72 -11.32 -3.26
N SER A 168 -7.85 -10.93 -2.62
CA SER A 168 -9.07 -10.74 -3.40
C SER A 168 -8.93 -9.58 -4.38
N SER A 169 -8.41 -8.43 -3.92
CA SER A 169 -8.41 -7.25 -4.78
C SER A 169 -7.29 -7.28 -5.83
N THR A 170 -6.36 -8.24 -5.73
CA THR A 170 -5.32 -8.42 -6.74
C THR A 170 -5.55 -9.71 -7.53
N ASN A 171 -6.73 -10.30 -7.41
CA ASN A 171 -7.10 -11.54 -8.13
C ASN A 171 -7.49 -11.15 -9.54
N ALA A 172 -6.54 -10.58 -10.24
CA ALA A 172 -6.74 -9.98 -11.52
C ALA A 172 -6.68 -10.79 -12.77
N ALA A 173 -6.27 -12.03 -12.69
CA ALA A 173 -6.05 -12.78 -13.91
C ALA A 173 -7.32 -12.96 -14.70
N VAL A 174 -7.24 -12.71 -16.02
CA VAL A 174 -8.41 -12.98 -16.86
C VAL A 174 -8.06 -13.98 -17.93
N ASP A 175 -9.10 -14.59 -18.47
CA ASP A 175 -8.92 -15.66 -19.43
C ASP A 175 -8.97 -15.07 -20.84
N GLU A 176 -8.99 -15.98 -21.82
CA GLU A 176 -9.01 -15.65 -23.23
C GLU A 176 -10.18 -14.75 -23.58
N ASN A 177 -11.26 -14.79 -22.79
CA ASN A 177 -12.43 -13.96 -23.06
C ASN A 177 -12.50 -12.71 -22.19
N GLY A 178 -11.47 -12.43 -21.39
CA GLY A 178 -11.50 -11.29 -20.54
C GLY A 178 -12.27 -11.50 -19.24
N GLU A 179 -12.69 -12.73 -18.95
CA GLU A 179 -13.43 -13.03 -17.73
C GLU A 179 -12.43 -13.42 -16.65
N PHE A 180 -12.75 -13.15 -15.41
CA PHE A 180 -11.85 -13.54 -14.34
C PHE A 180 -11.58 -15.04 -14.40
N ALA A 181 -10.29 -15.39 -14.37
CA ALA A 181 -9.87 -16.79 -14.49
C ALA A 181 -10.07 -17.57 -13.20
N ASN A 182 -10.07 -16.89 -12.07
CA ASN A 182 -10.10 -17.53 -10.76
C ASN A 182 -11.23 -16.92 -9.91
N PRO A 183 -12.46 -17.11 -10.30
CA PRO A 183 -13.55 -16.50 -9.55
C PRO A 183 -13.65 -16.89 -8.10
N GLU A 184 -13.04 -17.89 -7.72
CA GLU A 184 -13.05 -18.45 -6.38
C GLU A 184 -12.29 -17.54 -5.43
N GLY A 185 -11.33 -16.97 -6.10
CA GLY A 185 -10.43 -16.14 -5.37
C GLY A 185 -11.04 -14.94 -4.68
N PHE A 186 -12.24 -14.61 -5.03
CA PHE A 186 -12.91 -13.48 -4.37
C PHE A 186 -13.62 -13.92 -3.11
N ALA A 187 -13.78 -15.22 -2.90
CA ALA A 187 -14.61 -15.66 -1.77
C ALA A 187 -13.97 -15.28 -0.44
N GLU A 188 -12.65 -15.30 -0.35
CA GLU A 188 -12.06 -14.91 0.93
C GLU A 188 -12.16 -13.41 1.19
N GLY A 189 -12.23 -12.60 0.12
CA GLY A 189 -12.53 -11.17 0.33
C GLY A 189 -13.95 -11.00 0.85
N ASP A 190 -14.89 -11.76 0.28
CA ASP A 190 -16.28 -11.68 0.76
C ASP A 190 -16.37 -12.13 2.20
N GLN A 191 -15.63 -13.17 2.56
CA GLN A 191 -15.64 -13.66 3.94
C GLN A 191 -15.02 -12.61 4.88
N ALA A 192 -13.91 -11.97 4.48
CA ALA A 192 -13.35 -10.92 5.33
C ALA A 192 -14.35 -9.78 5.53
N LYS A 193 -15.03 -9.36 4.45
CA LYS A 193 -16.02 -8.28 4.60
C LYS A 193 -17.15 -8.70 5.56
N ALA A 194 -17.61 -9.95 5.50
CA ALA A 194 -18.67 -10.37 6.42
C ALA A 194 -18.20 -10.29 7.88
N GLU A 195 -16.97 -10.74 8.12
CA GLU A 195 -16.41 -10.65 9.46
C GLU A 195 -16.27 -9.21 9.90
N ILE A 196 -15.83 -8.32 8.98
CA ILE A 196 -15.66 -6.92 9.31
C ILE A 196 -17.01 -6.33 9.69
N ARG A 197 -18.06 -6.66 8.91
CA ARG A 197 -19.40 -6.14 9.24
C ARG A 197 -19.82 -6.56 10.63
N ALA A 198 -19.56 -7.81 10.98
CA ALA A 198 -20.06 -8.30 12.26
C ALA A 198 -19.38 -7.57 13.41
N VAL A 199 -18.12 -7.21 13.25
CA VAL A 199 -17.38 -6.46 14.28
C VAL A 199 -17.73 -4.96 14.25
N VAL A 200 -17.77 -4.37 13.06
CA VAL A 200 -17.83 -2.90 12.96
C VAL A 200 -19.28 -2.36 13.03
N ASP A 201 -20.26 -3.13 12.58
CA ASP A 201 -21.64 -2.63 12.66
C ASP A 201 -22.05 -2.24 14.08
N PRO A 202 -21.76 -3.01 15.14
CA PRO A 202 -22.13 -2.53 16.49
C PRO A 202 -21.33 -1.31 16.91
N LEU A 203 -20.07 -1.15 16.46
CA LEU A 203 -19.33 0.06 16.80
C LEU A 203 -19.96 1.26 16.14
N ILE A 204 -20.38 1.10 14.86
CA ILE A 204 -21.08 2.21 14.18
C ILE A 204 -22.40 2.51 14.90
N ASP A 205 -23.17 1.46 15.28
CA ASP A 205 -24.41 1.69 16.02
C ASP A 205 -24.14 2.60 17.21
N LYS A 206 -23.06 2.31 17.93
CA LYS A 206 -22.68 3.06 19.14
C LYS A 206 -22.22 4.48 18.79
N TRP A 207 -21.32 4.63 17.81
CA TRP A 207 -20.81 5.95 17.48
C TRP A 207 -21.91 6.91 16.99
N ILE A 208 -22.91 6.39 16.26
CA ILE A 208 -24.00 7.26 15.81
C ILE A 208 -24.65 7.95 17.02
N GLU A 209 -24.85 7.23 18.09
CA GLU A 209 -25.47 7.84 19.26
C GLU A 209 -24.51 8.46 20.24
N HIS A 210 -23.29 8.00 20.23
CA HIS A 210 -22.31 8.41 21.22
C HIS A 210 -20.98 8.64 20.51
N PRO A 211 -20.84 9.79 19.85
CA PRO A 211 -19.60 10.04 19.08
C PRO A 211 -18.43 10.14 20.04
N ASP A 212 -17.25 9.78 19.54
CA ASP A 212 -16.05 9.85 20.36
C ASP A 212 -14.91 10.33 19.47
N ASP A 213 -13.67 10.17 19.94
CA ASP A 213 -12.57 10.72 19.17
C ASP A 213 -11.98 9.73 18.17
N SER A 214 -12.62 8.59 17.96
CA SER A 214 -12.18 7.61 16.96
C SER A 214 -12.38 8.16 15.55
N ALA A 215 -11.46 7.79 14.64
CA ALA A 215 -11.56 8.33 13.30
C ALA A 215 -12.88 7.93 12.65
N ILE A 216 -13.33 6.68 12.84
CA ILE A 216 -14.56 6.26 12.17
C ILE A 216 -15.79 7.01 12.73
N SER A 217 -15.81 7.28 14.02
CA SER A 217 -16.89 8.14 14.55
C SER A 217 -16.87 9.50 13.87
N HIS A 218 -15.67 10.09 13.66
CA HIS A 218 -15.61 11.34 12.92
C HIS A 218 -16.04 11.17 11.46
N TRP A 219 -15.76 10.01 10.85
CA TRP A 219 -16.23 9.83 9.46
C TRP A 219 -17.76 9.87 9.42
N LEU A 220 -18.41 9.33 10.45
CA LEU A 220 -19.88 9.36 10.47
C LEU A 220 -20.40 10.78 10.67
N HIS A 221 -19.75 11.55 11.52
CA HIS A 221 -20.34 12.80 12.03
C HIS A 221 -19.80 14.08 11.38
N ASP A 222 -18.49 14.12 10.98
CA ASP A 222 -17.96 15.44 10.61
C ASP A 222 -18.75 16.02 9.45
N GLY A 223 -18.94 17.32 9.45
CA GLY A 223 -19.46 17.93 8.24
C GLY A 223 -20.92 17.68 8.01
N MET A 224 -21.60 17.01 8.94
CA MET A 224 -22.98 16.63 8.70
C MET A 224 -23.92 17.59 9.40
N PRO A 225 -25.15 17.73 8.90
CA PRO A 225 -26.15 18.53 9.62
C PRO A 225 -26.44 17.95 11.00
N PRO A 226 -27.04 18.73 11.88
CA PRO A 226 -27.27 18.26 13.26
C PRO A 226 -28.12 16.99 13.29
N GLY A 227 -27.68 16.04 14.10
CA GLY A 227 -28.35 14.78 14.25
C GLY A 227 -28.22 13.80 13.08
N GLN A 228 -27.47 14.14 12.02
CA GLN A 228 -27.32 13.23 10.89
C GLN A 228 -25.95 12.58 10.90
N THR A 229 -25.88 11.40 10.26
CA THR A 229 -24.58 10.77 10.02
C THR A 229 -24.49 10.26 8.59
N ARG A 230 -23.26 10.13 8.07
CA ARG A 230 -23.10 9.45 6.80
C ARG A 230 -23.64 8.04 6.91
N ASP A 231 -24.40 7.60 5.91
CA ASP A 231 -24.92 6.23 5.89
C ASP A 231 -23.78 5.22 5.95
N ARG A 232 -23.94 4.16 6.73
CA ARG A 232 -22.82 3.23 6.82
C ARG A 232 -22.50 2.57 5.47
N GLU A 233 -23.50 2.41 4.57
CA GLU A 233 -23.14 1.81 3.29
C GLU A 233 -22.27 2.75 2.45
N TYR A 234 -22.39 4.04 2.70
CA TYR A 234 -21.60 5.05 2.01
C TYR A 234 -20.15 5.04 2.47
N ILE A 235 -19.89 4.71 3.75
CA ILE A 235 -18.51 4.74 4.23
C ILE A 235 -17.82 3.35 4.25
N TYR A 236 -18.59 2.24 4.21
CA TYR A 236 -17.95 0.93 4.39
C TYR A 236 -16.88 0.66 3.32
N PRO A 237 -17.05 0.99 2.04
CA PRO A 237 -15.98 0.70 1.06
C PRO A 237 -14.68 1.41 1.37
N THR A 238 -14.74 2.62 1.94
CA THR A 238 -13.52 3.29 2.35
C THR A 238 -12.95 2.67 3.62
N ILE A 239 -13.82 2.19 4.54
CA ILE A 239 -13.32 1.35 5.64
C ILE A 239 -12.53 0.16 5.08
N TYR A 240 -13.08 -0.55 4.08
CA TYR A 240 -12.35 -1.70 3.50
C TYR A 240 -11.02 -1.27 2.87
N VAL A 241 -11.02 -0.13 2.15
CA VAL A 241 -9.75 0.38 1.58
C VAL A 241 -8.72 0.56 2.69
N TYR A 242 -9.15 1.11 3.83
CA TYR A 242 -8.23 1.27 4.94
C TYR A 242 -7.77 -0.09 5.47
N LEU A 243 -8.71 -1.05 5.65
CA LEU A 243 -8.37 -2.34 6.23
C LEU A 243 -7.53 -3.22 5.31
N LEU A 244 -7.26 -2.74 4.11
CA LEU A 244 -6.32 -3.38 3.24
C LEU A 244 -5.03 -2.53 3.30
N GLY A 245 -4.90 -1.56 2.40
CA GLY A 245 -3.71 -0.77 2.32
C GLY A 245 -3.21 0.05 3.48
N ALA A 246 -4.09 0.77 4.12
CA ALA A 246 -3.64 1.57 5.22
C ALA A 246 -3.11 0.67 6.33
N MET A 247 -3.74 -0.47 6.54
CA MET A 247 -3.26 -1.44 7.55
C MET A 247 -1.97 -2.13 7.09
N GLN A 248 -1.88 -2.46 5.81
CA GLN A 248 -0.77 -3.27 5.33
C GLN A 248 0.49 -2.49 4.98
N GLU A 249 0.34 -1.35 4.33
CA GLU A 249 1.51 -0.70 3.77
C GLU A 249 2.63 -0.21 4.67
N PRO A 250 2.31 0.44 5.77
CA PRO A 250 3.45 0.90 6.60
C PRO A 250 4.27 -0.28 7.09
N GLY A 251 3.62 -1.40 7.42
CA GLY A 251 4.39 -2.59 7.79
C GLY A 251 5.25 -3.10 6.64
N HIS A 252 4.69 -3.12 5.43
CA HIS A 252 5.53 -3.57 4.31
C HIS A 252 6.64 -2.58 4.02
N GLY A 253 6.37 -1.31 4.19
CA GLY A 253 7.41 -0.34 3.93
C GLY A 253 8.58 -0.46 4.90
N MET A 254 8.30 -0.66 6.16
CA MET A 254 9.40 -0.80 7.09
C MET A 254 10.18 -2.07 6.84
N ALA A 255 9.48 -3.13 6.52
CA ALA A 255 10.14 -4.39 6.24
C ALA A 255 10.99 -4.29 4.99
N SER A 256 10.44 -3.78 3.89
CA SER A 256 11.30 -3.63 2.70
C SER A 256 12.51 -2.75 2.99
N THR A 257 12.32 -1.73 3.80
CA THR A 257 13.45 -0.84 4.13
C THR A 257 14.52 -1.62 4.89
N LEU A 258 14.12 -2.44 5.84
CA LEU A 258 15.08 -3.27 6.55
C LEU A 258 15.78 -4.24 5.59
N VAL A 259 15.04 -4.88 4.68
CA VAL A 259 15.71 -5.82 3.75
C VAL A 259 16.75 -5.06 2.95
N GLY A 260 16.38 -3.86 2.49
CA GLY A 260 17.33 -3.06 1.73
C GLY A 260 18.56 -2.71 2.54
N LEU A 261 18.35 -2.23 3.76
CA LEU A 261 19.51 -1.93 4.61
C LEU A 261 20.36 -3.18 4.85
N PHE A 262 19.74 -4.32 5.15
CA PHE A 262 20.56 -5.53 5.35
C PHE A 262 21.39 -5.84 4.11
N SER A 263 20.86 -5.56 2.93
CA SER A 263 21.63 -5.80 1.70
C SER A 263 22.82 -4.86 1.55
N ARG A 264 22.91 -3.82 2.39
CA ARG A 264 24.01 -2.84 2.36
C ARG A 264 24.48 -2.68 3.79
N PRO A 265 25.25 -3.66 4.30
CA PRO A 265 25.56 -3.67 5.74
C PRO A 265 26.19 -2.39 6.27
N GLU A 266 26.99 -1.74 5.47
CA GLU A 266 27.60 -0.50 5.89
C GLU A 266 26.55 0.59 6.09
N GLN A 267 25.47 0.53 5.33
CA GLN A 267 24.40 1.49 5.45
C GLN A 267 23.51 1.19 6.66
N LEU A 268 23.22 -0.08 6.91
CA LEU A 268 22.53 -0.44 8.15
C LEU A 268 23.27 0.13 9.35
N GLU A 269 24.60 -0.08 9.38
CA GLU A 269 25.38 0.44 10.50
C GLU A 269 25.29 1.96 10.60
N GLU A 270 25.38 2.67 9.46
CA GLU A 270 25.23 4.14 9.45
C GLU A 270 23.89 4.57 10.05
N VAL A 271 22.80 3.89 9.67
CA VAL A 271 21.47 4.28 10.16
C VAL A 271 21.30 3.93 11.64
N VAL A 272 21.83 2.76 12.07
CA VAL A 272 21.73 2.47 13.50
C VAL A 272 22.53 3.47 14.31
N ASP A 273 23.76 3.83 13.85
CA ASP A 273 24.56 4.83 14.53
C ASP A 273 23.88 6.20 14.53
N ASP A 274 23.16 6.54 13.46
CA ASP A 274 22.57 7.87 13.28
C ASP A 274 21.11 7.74 12.85
N PRO A 275 20.20 7.60 13.82
CA PRO A 275 18.77 7.40 13.49
C PRO A 275 18.13 8.58 12.79
N THR A 276 18.79 9.76 12.73
CA THR A 276 18.22 10.82 11.92
C THR A 276 18.18 10.46 10.44
N LEU A 277 18.95 9.44 10.02
CA LEU A 277 18.89 8.94 8.65
C LEU A 277 17.72 7.98 8.38
N ILE A 278 16.93 7.63 9.39
CA ILE A 278 15.79 6.70 9.15
C ILE A 278 14.82 7.21 8.10
N PRO A 279 14.40 8.47 8.12
CA PRO A 279 13.51 8.91 7.04
C PRO A 279 14.10 8.74 5.65
N ARG A 280 15.37 9.08 5.42
CA ARG A 280 15.99 8.85 4.12
C ARG A 280 16.01 7.35 3.76
N ALA A 281 16.30 6.50 4.74
CA ALA A 281 16.34 5.06 4.50
C ALA A 281 14.97 4.52 4.04
N ILE A 282 13.91 5.03 4.66
CA ILE A 282 12.55 4.63 4.31
C ILE A 282 12.16 5.14 2.94
N ALA A 283 12.46 6.41 2.63
CA ALA A 283 12.17 6.91 1.28
C ALA A 283 12.83 6.04 0.20
N GLU A 284 14.10 5.67 0.40
CA GLU A 284 14.75 4.76 -0.55
C GLU A 284 14.10 3.37 -0.53
N GLY A 285 13.71 2.89 0.65
CA GLY A 285 12.99 1.60 0.74
C GLY A 285 11.71 1.60 -0.08
N LEU A 286 10.94 2.67 -0.01
CA LEU A 286 9.69 2.74 -0.76
C LEU A 286 9.93 2.76 -2.26
N ARG A 287 10.96 3.50 -2.71
CA ARG A 287 11.31 3.46 -4.13
C ARG A 287 11.79 2.07 -4.52
N TRP A 288 12.62 1.49 -3.68
CA TRP A 288 13.30 0.23 -4.02
C TRP A 288 12.31 -0.92 -4.13
N THR A 289 11.37 -1.05 -3.18
CA THR A 289 10.29 -2.04 -3.36
C THR A 289 8.99 -1.38 -2.96
N SER A 290 8.25 -0.87 -3.90
CA SER A 290 7.09 -0.03 -3.52
C SER A 290 5.95 -0.86 -2.93
N PRO A 291 5.47 -0.52 -1.74
CA PRO A 291 4.42 -1.38 -1.13
C PRO A 291 3.16 -1.44 -1.97
N ILE A 292 2.67 -0.28 -2.45
CA ILE A 292 1.58 -0.27 -3.42
C ILE A 292 2.26 -0.25 -4.78
N TRP A 293 2.28 -1.45 -5.40
CA TRP A 293 3.15 -1.67 -6.55
C TRP A 293 2.38 -1.44 -7.84
N SER A 294 1.13 -1.94 -7.89
CA SER A 294 0.26 -1.73 -9.05
C SER A 294 -1.18 -1.98 -8.64
N ALA A 295 -1.69 -1.19 -7.70
CA ALA A 295 -3.04 -1.46 -7.16
C ALA A 295 -4.11 -0.47 -7.58
N THR A 296 -3.73 0.62 -8.24
CA THR A 296 -4.70 1.61 -8.65
C THR A 296 -4.61 1.85 -10.16
N ALA A 297 -5.54 2.68 -10.64
CA ALA A 297 -5.75 2.83 -12.07
C ALA A 297 -6.46 4.15 -12.32
N ARG A 298 -6.41 4.57 -13.57
CA ARG A 298 -7.24 5.69 -14.01
C ARG A 298 -7.92 5.31 -15.30
N ILE A 299 -8.95 6.07 -15.67
CA ILE A 299 -9.69 5.78 -16.91
C ILE A 299 -9.76 7.07 -17.72
N SER A 300 -9.54 6.97 -19.06
CA SER A 300 -9.63 8.15 -19.89
C SER A 300 -11.08 8.62 -19.99
N THR A 301 -11.30 9.95 -20.02
CA THR A 301 -12.66 10.46 -20.12
C THR A 301 -12.94 11.00 -21.51
N LYS A 302 -11.91 11.13 -22.33
CA LYS A 302 -12.03 11.45 -23.75
C LYS A 302 -10.89 10.72 -24.47
N PRO A 303 -10.91 10.72 -25.81
CA PRO A 303 -9.76 10.13 -26.53
C PRO A 303 -8.50 10.90 -26.20
N VAL A 304 -7.40 10.17 -26.07
CA VAL A 304 -6.17 10.75 -25.59
C VAL A 304 -5.05 9.92 -26.17
N THR A 305 -3.93 10.55 -26.49
CA THR A 305 -2.73 9.83 -26.93
C THR A 305 -1.73 9.88 -25.77
N ILE A 306 -1.29 8.69 -25.33
CA ILE A 306 -0.32 8.53 -24.24
C ILE A 306 0.79 7.63 -24.78
N ALA A 307 2.04 8.08 -24.68
CA ALA A 307 3.19 7.29 -25.10
C ALA A 307 2.99 6.70 -26.48
N GLY A 308 2.44 7.49 -27.39
CA GLY A 308 2.29 6.97 -28.74
C GLY A 308 1.05 6.13 -28.99
N VAL A 309 0.27 5.78 -27.96
CA VAL A 309 -0.91 4.94 -28.12
C VAL A 309 -2.13 5.84 -28.15
N ASP A 310 -2.97 5.71 -29.19
CA ASP A 310 -4.22 6.47 -29.26
C ASP A 310 -5.27 5.69 -28.46
N LEU A 311 -5.68 6.22 -27.32
CA LEU A 311 -6.66 5.48 -26.52
C LEU A 311 -8.05 6.04 -26.73
N PRO A 312 -9.10 5.22 -26.87
CA PRO A 312 -10.44 5.81 -26.89
C PRO A 312 -10.79 6.30 -25.48
N ALA A 313 -11.85 7.12 -25.42
CA ALA A 313 -12.47 7.40 -24.12
C ALA A 313 -12.86 6.08 -23.47
N GLY A 314 -12.89 6.07 -22.13
CA GLY A 314 -13.29 4.86 -21.45
C GLY A 314 -12.21 3.80 -21.33
N THR A 315 -10.93 4.17 -21.48
CA THR A 315 -9.84 3.15 -21.43
C THR A 315 -9.18 3.14 -20.08
N PRO A 316 -9.26 2.05 -19.32
CA PRO A 316 -8.51 1.96 -18.06
C PRO A 316 -7.01 1.77 -18.27
N VAL A 317 -6.25 2.38 -17.36
CA VAL A 317 -4.79 2.24 -17.36
C VAL A 317 -4.35 1.96 -15.92
N MET A 318 -3.74 0.80 -15.70
CA MET A 318 -3.23 0.45 -14.38
C MET A 318 -1.93 1.20 -14.15
N LEU A 319 -1.76 1.77 -12.93
CA LEU A 319 -0.54 2.55 -12.64
C LEU A 319 0.44 1.69 -11.87
N SER A 320 1.48 1.16 -12.58
CA SER A 320 2.40 0.26 -11.91
C SER A 320 3.56 1.08 -11.35
N TYR A 321 3.24 1.81 -10.30
CA TYR A 321 4.20 2.70 -9.66
C TYR A 321 5.44 1.97 -9.17
N GLY A 322 5.31 0.70 -8.79
CA GLY A 322 6.51 -0.06 -8.41
C GLY A 322 7.53 -0.16 -9.53
N SER A 323 7.06 -0.30 -10.76
CA SER A 323 7.94 -0.31 -11.93
C SER A 323 8.45 1.10 -12.22
N ALA A 324 7.59 2.09 -12.07
CA ALA A 324 8.03 3.46 -12.36
C ALA A 324 9.18 3.86 -11.45
N ASN A 325 9.17 3.34 -10.22
CA ASN A 325 10.23 3.64 -9.25
C ASN A 325 11.52 2.87 -9.54
N HIS A 326 11.57 2.03 -10.59
CA HIS A 326 12.84 1.53 -11.13
C HIS A 326 13.14 2.07 -12.54
N ASP A 327 12.57 3.23 -12.89
CA ASP A 327 12.81 3.80 -14.22
C ASP A 327 14.26 4.23 -14.33
N THR A 328 15.01 3.63 -15.28
CA THR A 328 16.40 3.98 -15.41
C THR A 328 16.60 5.30 -16.11
N GLY A 329 15.53 5.91 -16.62
CA GLY A 329 15.58 7.31 -16.98
C GLY A 329 15.82 8.21 -15.79
N LYS A 330 15.44 7.76 -14.60
CA LYS A 330 15.58 8.55 -13.38
C LYS A 330 16.66 8.03 -12.44
N TYR A 331 16.87 6.73 -12.39
CA TYR A 331 17.71 6.18 -11.34
C TYR A 331 18.82 5.34 -11.94
N GLU A 332 19.97 5.37 -11.27
CA GLU A 332 21.10 4.49 -11.63
C GLU A 332 21.02 3.22 -10.83
N ALA A 333 21.04 2.07 -11.50
CA ALA A 333 21.00 0.77 -10.86
C ALA A 333 19.86 0.73 -9.82
N PRO A 334 18.62 0.91 -10.27
CA PRO A 334 17.50 0.99 -9.33
C PRO A 334 17.21 -0.31 -8.58
N SER A 335 17.65 -1.49 -9.06
CA SER A 335 17.35 -2.69 -8.31
C SER A 335 18.24 -2.84 -7.08
N GLN A 336 19.22 -1.96 -6.92
CA GLN A 336 20.08 -1.92 -5.74
C GLN A 336 19.51 -0.91 -4.74
N TYR A 337 19.41 -1.33 -3.49
CA TYR A 337 19.06 -0.38 -2.42
C TYR A 337 20.28 0.48 -2.17
N ASP A 338 20.07 1.80 -2.07
CA ASP A 338 21.19 2.72 -1.83
C ASP A 338 20.69 3.92 -1.04
N LEU A 339 20.96 3.88 0.27
CA LEU A 339 20.67 4.99 1.19
C LEU A 339 21.19 6.33 0.66
N HIS A 340 22.31 6.29 -0.06
CA HIS A 340 22.99 7.50 -0.47
C HIS A 340 22.59 7.98 -1.86
N ARG A 341 21.59 7.35 -2.46
CA ARG A 341 20.96 7.91 -3.64
C ARG A 341 20.56 9.37 -3.36
N PRO A 342 20.70 10.30 -4.30
CA PRO A 342 20.12 11.65 -4.11
C PRO A 342 18.63 11.59 -3.85
N PRO A 343 18.10 12.40 -2.90
CA PRO A 343 16.65 12.36 -2.61
C PRO A 343 15.77 12.91 -3.73
N LEU A 344 15.43 12.12 -4.75
CA LEU A 344 14.68 12.52 -5.93
C LEU A 344 13.19 12.21 -5.75
N PRO A 345 12.34 12.83 -6.56
CA PRO A 345 10.91 12.50 -6.50
C PRO A 345 10.74 11.00 -6.74
N HIS A 346 9.72 10.44 -6.11
CA HIS A 346 9.35 9.06 -6.40
C HIS A 346 7.82 8.99 -6.42
N LEU A 347 7.31 7.84 -6.87
CA LEU A 347 5.87 7.62 -7.10
C LEU A 347 5.29 6.58 -6.15
N ALA A 348 5.94 6.30 -5.03
CA ALA A 348 5.37 5.29 -4.16
C ALA A 348 4.13 5.74 -3.41
N PHE A 349 3.84 7.05 -3.38
CA PHE A 349 2.55 7.51 -2.85
C PHE A 349 1.61 7.94 -3.98
N GLY A 350 1.94 7.63 -5.24
CA GLY A 350 1.10 8.08 -6.35
C GLY A 350 1.22 9.57 -6.62
N ALA A 351 0.19 10.11 -7.28
CA ALA A 351 0.28 11.47 -7.79
C ALA A 351 -1.12 11.94 -8.12
N GLY A 352 -1.28 13.28 -8.25
CA GLY A 352 -2.58 13.82 -8.65
C GLY A 352 -3.62 13.85 -7.55
N ASN A 353 -4.86 14.13 -7.99
CA ASN A 353 -6.00 14.28 -7.05
C ASN A 353 -6.25 13.03 -6.20
N HIS A 354 -5.79 11.87 -6.66
CA HIS A 354 -6.00 10.60 -5.95
C HIS A 354 -4.70 10.10 -5.33
N ALA A 355 -3.69 10.96 -5.21
CA ALA A 355 -2.49 10.54 -4.51
C ALA A 355 -2.80 10.16 -3.06
N CYS A 356 -1.93 9.36 -2.45
CA CYS A 356 -2.09 8.94 -1.05
C CYS A 356 -2.47 10.11 -0.13
N ALA A 357 -3.48 9.87 0.72
CA ALA A 357 -3.93 10.90 1.67
C ALA A 357 -3.25 10.76 3.02
N GLY A 358 -2.51 9.67 3.25
CA GLY A 358 -1.95 9.38 4.57
C GLY A 358 -0.42 9.40 4.62
N ILE A 359 0.24 10.13 3.71
CA ILE A 359 1.70 10.05 3.57
C ILE A 359 2.37 10.43 4.89
N TYR A 360 1.97 11.57 5.45
CA TYR A 360 2.66 12.11 6.62
C TYR A 360 2.54 11.15 7.79
N PHE A 361 1.29 10.68 8.04
CA PHE A 361 1.05 9.63 9.04
C PHE A 361 1.89 8.37 8.78
N ALA A 362 1.84 7.84 7.56
CA ALA A 362 2.55 6.60 7.28
C ALA A 362 4.06 6.73 7.51
N ASN A 363 4.63 7.89 7.11
CA ASN A 363 6.07 8.06 7.23
C ASN A 363 6.46 8.09 8.69
N HIS A 364 5.62 8.71 9.53
CA HIS A 364 5.93 8.72 10.96
C HIS A 364 5.78 7.35 11.60
N VAL A 365 4.76 6.60 11.21
CA VAL A 365 4.59 5.22 11.73
C VAL A 365 5.84 4.40 11.42
N MET A 366 6.34 4.48 10.18
CA MET A 366 7.50 3.68 9.82
C MET A 366 8.74 4.20 10.55
N ARG A 367 8.90 5.51 10.61
CA ARG A 367 10.06 6.10 11.30
C ARG A 367 10.12 5.68 12.75
N ILE A 368 9.01 5.85 13.48
CA ILE A 368 9.06 5.56 14.91
C ILE A 368 9.30 4.07 15.13
N ALA A 369 8.68 3.25 14.30
CA ALA A 369 8.89 1.80 14.44
C ALA A 369 10.36 1.43 14.25
N LEU A 370 11.04 2.03 13.24
CA LEU A 370 12.44 1.67 13.05
C LEU A 370 13.30 2.27 14.16
N GLU A 371 12.97 3.48 14.60
CA GLU A 371 13.72 4.08 15.73
C GLU A 371 13.73 3.12 16.92
N GLU A 372 12.55 2.63 17.30
CA GLU A 372 12.46 1.80 18.49
C GLU A 372 13.12 0.43 18.26
N LEU A 373 12.97 -0.12 17.04
CA LEU A 373 13.63 -1.39 16.76
C LEU A 373 15.14 -1.30 16.94
N PHE A 374 15.76 -0.25 16.36
CA PHE A 374 17.22 -0.15 16.40
C PHE A 374 17.71 0.22 17.80
N GLU A 375 17.10 0.81 18.44
CA GLU A 375 17.31 1.17 19.85
C GLU A 375 17.35 -0.08 20.72
N ALA A 376 16.27 -0.85 20.55
CA ALA A 376 16.12 -2.09 21.32
C ALA A 376 17.13 -3.15 20.93
N ILE A 377 17.49 -3.20 19.65
CA ILE A 377 18.34 -4.26 19.11
C ILE A 377 19.38 -3.62 18.19
N PRO A 378 20.37 -2.94 18.75
CA PRO A 378 21.35 -2.24 17.90
C PRO A 378 22.22 -3.19 17.09
N ASN A 379 22.39 -4.44 17.53
CA ASN A 379 23.18 -5.43 16.80
C ASN A 379 22.32 -6.37 15.95
N LEU A 380 21.15 -5.88 15.51
CA LEU A 380 20.32 -6.65 14.61
C LEU A 380 21.09 -7.07 13.34
N GLU A 381 20.97 -8.34 12.96
CA GLU A 381 21.53 -8.85 11.71
C GLU A 381 20.47 -9.72 11.02
N ARG A 382 20.51 -9.74 9.69
CA ARG A 382 19.62 -10.66 8.99
C ARG A 382 20.12 -12.09 9.20
N ASP A 383 19.17 -13.02 9.31
CA ASP A 383 19.51 -14.44 9.35
C ASP A 383 19.77 -14.91 7.94
N THR A 384 21.05 -15.03 7.56
CA THR A 384 21.36 -15.33 6.17
C THR A 384 21.15 -16.81 5.82
N ARG A 385 20.84 -17.66 6.79
CA ARG A 385 20.43 -19.01 6.49
C ARG A 385 19.07 -19.07 5.81
N GLU A 386 18.27 -18.00 5.95
CA GLU A 386 16.92 -17.89 5.41
C GLU A 386 16.92 -16.93 4.23
N GLY A 387 16.17 -17.26 3.17
CA GLY A 387 16.06 -16.34 2.05
C GLY A 387 14.93 -15.39 2.34
N VAL A 388 15.01 -14.16 1.80
CA VAL A 388 13.85 -13.27 1.86
C VAL A 388 13.16 -13.36 0.52
N GLU A 389 11.80 -13.91 0.54
CA GLU A 389 11.13 -13.85 -0.74
C GLU A 389 10.29 -12.58 -0.73
N PHE A 390 10.08 -11.92 -1.74
CA PHE A 390 9.07 -10.87 -1.88
C PHE A 390 7.93 -11.47 -2.69
N TRP A 391 6.71 -11.07 -2.39
CA TRP A 391 5.58 -11.58 -3.15
C TRP A 391 4.62 -10.42 -3.44
N GLY A 392 4.01 -10.44 -4.63
CA GLY A 392 2.93 -9.54 -4.94
C GLY A 392 3.19 -8.70 -6.16
N TRP A 393 2.17 -8.55 -7.00
CA TRP A 393 2.17 -7.62 -8.11
C TRP A 393 1.37 -6.35 -7.75
N GLY A 394 0.21 -6.50 -7.10
CA GLY A 394 -0.62 -5.33 -6.80
C GLY A 394 -0.01 -4.62 -5.60
N PHE A 395 0.16 -5.38 -4.52
CA PHE A 395 0.88 -4.95 -3.31
C PHE A 395 2.09 -5.85 -3.17
N ARG A 396 3.27 -5.27 -2.89
CA ARG A 396 4.46 -6.11 -2.82
C ARG A 396 5.19 -5.87 -1.50
N GLY A 397 5.71 -6.95 -0.92
CA GLY A 397 6.49 -6.86 0.28
C GLY A 397 7.15 -8.20 0.57
N PRO A 398 8.03 -8.23 1.56
CA PRO A 398 8.68 -9.50 1.93
C PRO A 398 7.74 -10.40 2.75
N THR A 399 7.73 -11.70 2.45
CA THR A 399 6.77 -12.55 3.17
C THR A 399 7.24 -12.92 4.56
N SER A 400 8.52 -12.80 4.83
CA SER A 400 9.11 -12.98 6.15
C SER A 400 10.42 -12.23 6.14
N LEU A 401 10.96 -12.02 7.33
CA LEU A 401 12.24 -11.35 7.48
C LEU A 401 12.87 -11.89 8.77
N HIS A 402 13.49 -13.07 8.64
CA HIS A 402 14.15 -13.69 9.78
C HIS A 402 15.43 -12.97 10.12
N VAL A 403 15.60 -12.62 11.40
CA VAL A 403 16.78 -11.91 11.88
C VAL A 403 17.35 -12.62 13.10
N THR A 404 18.56 -12.21 13.47
CA THR A 404 19.29 -12.76 14.59
C THR A 404 20.08 -11.63 15.24
N TRP A 405 20.44 -11.81 16.51
CA TRP A 405 21.34 -10.88 17.18
C TRP A 405 21.95 -11.59 18.37
N GLU A 406 23.12 -11.14 18.76
CA GLU A 406 23.77 -11.72 19.92
C GLU A 406 23.17 -11.19 21.18
N VAL A 407 22.76 -12.13 22.02
CA VAL A 407 22.19 -12.09 23.37
C VAL A 407 21.30 -13.29 23.44
CHA HEM B . -3.87 5.88 -1.85
CHB HEM B . 0.73 4.44 -1.05
CHC HEM B . -0.18 4.25 3.75
CHD HEM B . -4.48 6.38 3.00
C1A HEM B . -2.58 5.42 -2.02
C2A HEM B . -1.95 5.15 -3.30
C3A HEM B . -0.66 4.78 -3.09
C4A HEM B . -0.44 4.83 -1.66
CMA HEM B . 0.35 4.44 -4.25
CAA HEM B . -2.69 5.33 -4.67
CBA HEM B . -2.31 6.69 -5.23
CGA HEM B . -2.65 6.84 -6.69
O1A HEM B . -3.48 6.04 -7.20
O2A HEM B . -2.11 7.80 -7.32
C1B HEM B . 0.86 4.24 0.30
C2B HEM B . 2.06 3.77 0.98
C3B HEM B . 1.82 3.72 2.28
C4B HEM B . 0.45 4.17 2.51
CMB HEM B . 3.35 3.36 0.23
CAB HEM B . 2.74 3.29 3.46
CBB HEM B . 4.09 3.28 3.36
C1C HEM B . -1.44 4.78 3.96
C2C HEM B . -2.08 4.96 5.27
C3C HEM B . -3.27 5.58 5.04
C4C HEM B . -3.38 5.80 3.62
CMC HEM B . -1.45 4.45 6.60
CAC HEM B . -4.40 6.01 6.01
CBC HEM B . -4.07 6.28 7.33
C1D HEM B . -4.70 6.38 1.61
C2D HEM B . -5.92 6.83 0.97
C3D HEM B . -5.75 6.68 -0.36
C4D HEM B . -4.43 6.12 -0.61
CMD HEM B . -7.19 7.37 1.73
CAD HEM B . -6.74 7.01 -1.49
CBD HEM B . -6.53 8.44 -2.06
CGD HEM B . -7.60 8.74 -3.08
O1D HEM B . -7.90 7.86 -3.92
O2D HEM B . -8.06 9.91 -3.13
NA HEM B . -1.65 5.20 -1.05
NB HEM B . -0.10 4.46 1.29
NC HEM B . -2.23 5.34 2.98
ND HEM B . -3.83 6.01 0.62
FE HEM B . -1.82 5.59 0.97
CAA JZ3 C . -4.93 2.89 1.35
OAG JZ3 C . -5.41 1.62 0.92
CAI JZ3 C . -5.38 1.41 -0.45
CAF JZ3 C . -4.73 2.27 -1.36
CAD JZ3 C . -4.74 1.92 -2.72
CAC JZ3 C . -5.41 0.76 -3.14
CAE JZ3 C . -6.06 -0.08 -2.19
CAH JZ3 C . -6.03 0.29 -0.87
OAB JZ3 C . -6.64 -0.45 0.12
#